data_4Q3E
#
_entry.id   4Q3E
#
_cell.length_a   79.080
_cell.length_b   210.460
_cell.length_c   77.640
_cell.angle_alpha   90.00
_cell.angle_beta   90.00
_cell.angle_gamma   90.00
#
_symmetry.space_group_name_H-M   'C 2 2 21'
#
loop_
_entity.id
_entity.type
_entity.pdbx_description
1 polymer 'PYLD, pyrrolysine synthase'
2 non-polymer NICOTINAMIDE-ADENINE-DINUCLEOTIDE
3 non-polymer 'SODIUM ION'
4 non-polymer 'MAGNESIUM ION'
5 non-polymer N~5~-D-lysyl-L-ornithine
6 non-polymer 1,2-ETHANEDIOL
7 non-polymer 'SULFATE ION'
8 non-polymer GLYCEROL
9 water water
#
_entity_poly.entity_id   1
_entity_poly.type   'polypeptide(L)'
_entity_poly.pdbx_seq_one_letter_code
;SMALLTPDDLININMQLQKADSAVQEVTGLDIKGICKALYGTFSSSEKVGIVPVTSGNGIIGNFSASLHAITQYFGFDSF
VTDMPDVSGYYEAVQNGAEIILMADDRTFLAHNLKNGKMANNQPCTGIIYAEIASRYLKADSKDVLVVGLGKVGFPGAEH
LVQKDFRVYGYDADETLLERATSNLGIIPFDPANPKKFSIIFEATPCANTIPEAVLSENCVLSTPGIPCAISEELRDKYE
VQLIAEPLGIGTASMLYSVL
;
_entity_poly.pdbx_strand_id   A,B
#
# COMPACT_ATOMS: atom_id res chain seq x y z
N LEU A 4 -10.43 1.82 5.76
CA LEU A 4 -10.18 0.72 4.78
C LEU A 4 -10.46 1.14 3.34
N LEU A 5 -9.42 1.12 2.52
CA LEU A 5 -9.57 1.32 1.09
C LEU A 5 -10.28 0.11 0.49
N THR A 6 -11.21 0.35 -0.43
CA THR A 6 -11.73 -0.72 -1.27
C THR A 6 -10.63 -1.11 -2.25
N PRO A 7 -10.74 -2.30 -2.88
CA PRO A 7 -9.74 -2.68 -3.88
C PRO A 7 -9.60 -1.64 -5.01
N ASP A 8 -10.72 -1.10 -5.49
CA ASP A 8 -10.68 -0.03 -6.49
C ASP A 8 -9.94 1.21 -6.01
N ASP A 9 -10.13 1.59 -4.76
CA ASP A 9 -9.40 2.73 -4.19
C ASP A 9 -7.89 2.52 -4.20
N LEU A 10 -7.44 1.33 -3.78
CA LEU A 10 -6.01 1.03 -3.74
C LEU A 10 -5.44 1.09 -5.15
N ILE A 11 -6.11 0.41 -6.09
CA ILE A 11 -5.68 0.37 -7.48
C ILE A 11 -5.61 1.77 -8.09
N ASN A 12 -6.58 2.62 -7.81
CA ASN A 12 -6.60 3.99 -8.34
C ASN A 12 -5.45 4.85 -7.84
N ILE A 13 -5.04 4.67 -6.59
CA ILE A 13 -3.91 5.43 -6.04
C ILE A 13 -2.63 5.15 -6.83
N ASN A 14 -2.28 3.88 -6.97
CA ASN A 14 -1.07 3.49 -7.72
C ASN A 14 -1.16 3.89 -9.20
N MET A 15 -2.34 3.70 -9.78
CA MET A 15 -2.55 4.03 -11.18
C MET A 15 -2.36 5.53 -11.42
N GLN A 16 -3.01 6.35 -10.61
CA GLN A 16 -2.86 7.81 -10.70
C GLN A 16 -1.41 8.25 -10.49
N LEU A 17 -0.71 7.60 -9.58
CA LEU A 17 0.68 7.96 -9.31
C LEU A 17 1.57 7.66 -10.52
N GLN A 18 1.45 6.46 -11.07
CA GLN A 18 2.19 6.07 -12.27
C GLN A 18 1.86 6.96 -13.47
N LYS A 19 0.59 7.28 -13.63
CA LYS A 19 0.14 8.19 -14.68
C LYS A 19 0.83 9.55 -14.53
N ALA A 20 0.85 10.05 -13.30
CA ALA A 20 1.47 11.33 -12.99
C ALA A 20 2.98 11.28 -13.19
N ASP A 21 3.61 10.20 -12.74
CA ASP A 21 5.05 10.02 -12.97
C ASP A 21 5.41 10.13 -14.45
N SER A 22 4.64 9.44 -15.29
CA SER A 22 4.88 9.47 -16.74
C SER A 22 4.62 10.83 -17.36
N ALA A 23 3.52 11.47 -16.97
CA ALA A 23 3.18 12.80 -17.47
C ALA A 23 4.25 13.81 -17.05
N VAL A 24 4.71 13.73 -15.81
CA VAL A 24 5.75 14.64 -15.33
C VAL A 24 7.07 14.42 -16.09
N GLN A 25 7.39 13.16 -16.35
CA GLN A 25 8.59 12.81 -17.12
C GLN A 25 8.49 13.35 -18.56
N GLU A 26 7.34 13.11 -19.19
CA GLU A 26 7.05 13.64 -20.52
C GLU A 26 7.22 15.17 -20.58
N VAL A 27 6.65 15.87 -19.60
CA VAL A 27 6.66 17.34 -19.60
C VAL A 27 8.04 17.92 -19.25
N THR A 28 8.67 17.39 -18.20
CA THR A 28 9.89 17.97 -17.62
C THR A 28 11.16 17.18 -17.81
N GLY A 29 11.05 15.89 -18.17
CA GLY A 29 12.23 15.02 -18.30
C GLY A 29 12.66 14.35 -17.01
N LEU A 30 11.95 14.64 -15.91
CA LEU A 30 12.21 14.01 -14.62
C LEU A 30 10.90 13.45 -14.07
N ASP A 31 11.01 12.48 -13.17
CA ASP A 31 9.83 11.95 -12.50
C ASP A 31 9.56 12.79 -11.24
N ILE A 32 8.49 12.46 -10.53
CA ILE A 32 8.06 13.24 -9.37
C ILE A 32 9.19 13.35 -8.35
N LYS A 33 9.85 12.22 -8.10
CA LYS A 33 10.99 12.15 -7.21
C LYS A 33 12.15 13.00 -7.71
N GLY A 34 12.41 12.96 -9.02
CA GLY A 34 13.44 13.81 -9.64
C GLY A 34 13.13 15.29 -9.45
N ILE A 35 11.87 15.67 -9.62
CA ILE A 35 11.46 17.06 -9.39
C ILE A 35 11.73 17.46 -7.94
N CYS A 36 11.35 16.61 -7.01
CA CYS A 36 11.46 16.92 -5.57
C CYS A 36 12.90 17.12 -5.15
N LYS A 37 13.77 16.21 -5.60
CA LYS A 37 15.18 16.26 -5.26
C LYS A 37 15.83 17.54 -5.80
N ALA A 38 15.50 17.89 -7.04
CA ALA A 38 15.98 19.14 -7.64
C ALA A 38 15.39 20.38 -6.95
N LEU A 39 14.12 20.31 -6.56
CA LEU A 39 13.45 21.42 -5.88
C LEU A 39 14.10 21.72 -4.52
N TYR A 40 14.29 20.69 -3.71
CA TYR A 40 14.71 20.87 -2.32
C TYR A 40 16.16 20.46 -2.06
N GLY A 41 16.82 19.81 -3.02
CA GLY A 41 18.22 19.39 -2.85
C GLY A 41 18.39 18.32 -1.78
N THR A 42 17.35 17.51 -1.58
CA THR A 42 17.35 16.48 -0.54
C THR A 42 17.21 15.13 -1.19
N PHE A 43 17.54 14.08 -0.43
CA PHE A 43 17.37 12.71 -0.90
C PHE A 43 16.79 11.87 0.24
N SER A 44 16.10 10.79 -0.14
CA SER A 44 15.44 9.91 0.82
C SER A 44 16.35 8.77 1.23
N SER A 45 16.22 8.35 2.48
CA SER A 45 16.91 7.17 3.00
C SER A 45 15.90 6.17 3.58
N SER A 46 14.73 6.10 2.96
CA SER A 46 13.58 5.31 3.46
C SER A 46 13.26 5.65 4.92
N GLU A 47 13.22 6.95 5.24
CA GLU A 47 12.97 7.41 6.60
C GLU A 47 11.70 6.80 7.14
N LYS A 48 11.66 6.55 8.44
CA LYS A 48 10.47 5.98 9.04
C LYS A 48 9.39 7.07 9.18
N VAL A 49 8.27 6.89 8.49
CA VAL A 49 7.18 7.86 8.47
C VAL A 49 5.98 7.30 9.23
N GLY A 50 5.65 7.90 10.36
CA GLY A 50 4.47 7.51 11.12
C GLY A 50 3.28 8.36 10.73
N ILE A 51 2.22 7.69 10.28
CA ILE A 51 1.00 8.36 9.83
C ILE A 51 -0.03 8.19 10.94
N VAL A 52 -0.59 9.31 11.42
CA VAL A 52 -1.49 9.31 12.57
C VAL A 52 -2.91 9.73 12.15
N PRO A 53 -3.90 8.82 12.28
CA PRO A 53 -5.27 9.22 11.96
C PRO A 53 -5.79 10.24 12.96
N VAL A 54 -6.62 11.16 12.50
CA VAL A 54 -7.14 12.24 13.34
C VAL A 54 -8.66 12.31 13.18
N THR A 55 -9.37 12.27 14.31
CA THR A 55 -10.83 12.19 14.31
C THR A 55 -11.49 13.55 14.16
N SER A 56 -10.71 14.62 14.26
CA SER A 56 -11.17 15.96 13.91
C SER A 56 -11.46 16.06 12.41
N ILE A 61 -13.47 9.55 9.84
CA ILE A 61 -12.23 9.03 9.30
C ILE A 61 -12.45 7.91 8.32
N GLY A 62 -12.24 8.21 7.03
CA GLY A 62 -12.23 7.19 6.00
C GLY A 62 -10.81 6.74 5.71
N ASN A 63 -10.50 6.68 4.43
CA ASN A 63 -9.25 6.07 3.97
C ASN A 63 -8.05 7.03 3.83
N PHE A 64 -8.09 8.18 4.51
CA PHE A 64 -7.04 9.18 4.33
C PHE A 64 -5.69 8.62 4.76
N SER A 65 -5.64 8.10 5.98
CA SER A 65 -4.43 7.47 6.51
C SER A 65 -4.00 6.31 5.62
N ALA A 66 -4.96 5.47 5.22
CA ALA A 66 -4.68 4.32 4.35
C ALA A 66 -4.14 4.79 2.98
N SER A 67 -4.67 5.89 2.48
CA SER A 67 -4.21 6.44 1.20
C SER A 67 -2.79 6.98 1.33
N LEU A 68 -2.50 7.66 2.43
CA LEU A 68 -1.13 8.15 2.67
C LEU A 68 -0.13 7.01 2.77
N HIS A 69 -0.52 5.93 3.43
CA HIS A 69 0.32 4.74 3.53
C HIS A 69 0.68 4.23 2.14
N ALA A 70 -0.30 4.04 1.28
CA ALA A 70 -0.05 3.59 -0.09
C ALA A 70 0.84 4.58 -0.85
N ILE A 71 0.55 5.87 -0.68
CA ILE A 71 1.32 6.92 -1.36
C ILE A 71 2.79 6.89 -0.92
N THR A 72 3.02 6.88 0.40
CA THR A 72 4.37 6.91 0.94
C THR A 72 5.18 5.65 0.60
N GLN A 73 4.50 4.51 0.59
CA GLN A 73 5.11 3.26 0.13
C GLN A 73 5.54 3.36 -1.33
N TYR A 74 4.66 3.90 -2.17
CA TYR A 74 5.00 4.13 -3.59
C TYR A 74 6.28 4.93 -3.73
N PHE A 75 6.49 5.92 -2.86
CA PHE A 75 7.68 6.76 -2.95
C PHE A 75 8.88 6.23 -2.18
N GLY A 76 8.77 5.02 -1.63
CA GLY A 76 9.91 4.30 -1.06
C GLY A 76 10.13 4.51 0.44
N PHE A 77 9.19 5.17 1.11
CA PHE A 77 9.32 5.44 2.54
C PHE A 77 8.87 4.26 3.40
N ASP A 78 9.53 4.11 4.55
CA ASP A 78 9.19 3.06 5.50
C ASP A 78 8.06 3.57 6.40
N SER A 79 6.83 3.49 5.91
CA SER A 79 5.70 4.11 6.58
C SER A 79 4.79 3.12 7.29
N PHE A 80 4.06 3.61 8.28
CA PHE A 80 3.06 2.82 9.01
C PHE A 80 1.95 3.75 9.55
N VAL A 81 0.75 3.20 9.68
CA VAL A 81 -0.39 3.91 10.23
C VAL A 81 -0.55 3.43 11.67
N THR A 82 -0.60 4.35 12.63
CA THR A 82 -0.76 3.98 14.03
C THR A 82 -2.13 3.33 14.27
N ASP A 83 -2.19 2.43 15.24
CA ASP A 83 -3.44 1.75 15.62
C ASP A 83 -4.40 2.74 16.24
N MET A 84 -3.88 3.61 17.09
CA MET A 84 -4.70 4.61 17.78
C MET A 84 -4.71 5.91 17.01
N PRO A 85 -5.80 6.67 17.12
CA PRO A 85 -5.86 7.99 16.53
C PRO A 85 -5.38 9.09 17.48
N ASP A 86 -5.27 10.31 16.95
CA ASP A 86 -5.12 11.52 17.75
C ASP A 86 -3.86 11.53 18.61
N VAL A 87 -3.96 11.93 19.88
CA VAL A 87 -2.79 12.09 20.74
C VAL A 87 -2.19 10.73 21.11
N SER A 88 -3.05 9.73 21.30
CA SER A 88 -2.61 8.36 21.55
C SER A 88 -1.85 7.80 20.35
N GLY A 89 -2.31 8.10 19.15
CA GLY A 89 -1.59 7.74 17.93
C GLY A 89 -0.25 8.43 17.78
N TYR A 90 -0.22 9.71 18.11
CA TYR A 90 1.01 10.49 18.04
C TYR A 90 2.05 9.83 18.94
N TYR A 91 1.67 9.57 20.19
CA TYR A 91 2.52 8.89 21.17
C TYR A 91 3.02 7.57 20.59
N GLU A 92 2.08 6.79 20.07
CA GLU A 92 2.40 5.50 19.45
C GLU A 92 3.41 5.65 18.32
N ALA A 93 3.23 6.65 17.47
CA ALA A 93 4.15 6.86 16.34
C ALA A 93 5.56 7.22 16.79
N VAL A 94 5.67 8.14 17.73
CA VAL A 94 6.98 8.58 18.24
C VAL A 94 7.66 7.42 18.96
N GLN A 95 6.89 6.68 19.75
CA GLN A 95 7.44 5.55 20.51
C GLN A 95 7.92 4.42 19.60
N ASN A 96 7.29 4.30 18.43
CA ASN A 96 7.67 3.26 17.46
C ASN A 96 8.74 3.72 16.47
N GLY A 97 9.42 4.83 16.77
CA GLY A 97 10.60 5.27 16.01
C GLY A 97 10.31 6.08 14.76
N ALA A 98 9.13 6.70 14.68
CA ALA A 98 8.84 7.59 13.56
C ALA A 98 9.82 8.77 13.57
N GLU A 99 10.42 9.03 12.41
CA GLU A 99 11.29 10.18 12.22
C GLU A 99 10.51 11.37 11.64
N ILE A 100 9.49 11.06 10.85
CA ILE A 100 8.58 12.08 10.31
C ILE A 100 7.15 11.69 10.67
N ILE A 101 6.40 12.66 11.18
CA ILE A 101 4.99 12.46 11.50
C ILE A 101 4.16 13.11 10.40
N LEU A 102 3.18 12.37 9.92
CA LEU A 102 2.27 12.83 8.89
C LEU A 102 0.88 12.78 9.51
N MET A 103 0.21 13.92 9.57
CA MET A 103 -1.14 13.97 10.11
C MET A 103 -1.85 15.21 9.62
N ALA A 104 -3.19 15.16 9.69
CA ALA A 104 -4.04 16.23 9.17
C ALA A 104 -5.35 16.32 9.92
N ASP A 105 -5.78 17.54 10.23
CA ASP A 105 -7.18 17.80 10.55
C ASP A 105 -7.80 18.47 9.31
N ASP A 106 -9.02 18.99 9.40
CA ASP A 106 -9.67 19.56 8.21
C ASP A 106 -8.98 20.81 7.65
N ARG A 107 -8.19 21.47 8.49
CA ARG A 107 -7.58 22.75 8.17
C ARG A 107 -6.10 22.66 7.81
N THR A 108 -5.38 21.72 8.42
CA THR A 108 -3.94 21.61 8.24
C THR A 108 -3.55 20.16 8.02
N PHE A 109 -2.76 19.92 6.98
CA PHE A 109 -2.12 18.63 6.77
C PHE A 109 -0.62 18.88 6.80
N LEU A 110 0.07 18.28 7.77
CA LEU A 110 1.49 18.55 7.99
C LEU A 110 2.38 17.33 7.98
N ALA A 111 3.66 17.57 7.68
CA ALA A 111 4.73 16.63 7.90
C ALA A 111 5.69 17.28 8.87
N HIS A 112 6.06 16.57 9.92
CA HIS A 112 6.99 17.10 10.91
C HIS A 112 8.16 16.13 11.08
N ASN A 113 9.34 16.55 10.64
CA ASN A 113 10.54 15.75 10.79
C ASN A 113 11.12 16.00 12.17
N LEU A 114 10.93 15.04 13.06
CA LEU A 114 11.37 15.17 14.45
C LEU A 114 12.89 15.19 14.61
N LYS A 115 13.63 14.82 13.57
CA LYS A 115 15.09 14.72 13.62
C LYS A 115 15.75 16.07 13.40
N ASN A 116 15.32 16.80 12.37
CA ASN A 116 15.88 18.11 12.07
C ASN A 116 14.92 19.26 12.41
N GLY A 117 13.72 18.92 12.87
CA GLY A 117 12.76 19.95 13.29
C GLY A 117 12.04 20.67 12.16
N LYS A 118 12.26 20.26 10.91
CA LYS A 118 11.57 20.90 9.79
C LYS A 118 10.11 20.42 9.71
N MET A 119 9.22 21.36 9.44
CA MET A 119 7.79 21.10 9.36
C MET A 119 7.23 21.68 8.06
N ALA A 120 6.32 20.95 7.42
CA ALA A 120 5.77 21.34 6.13
C ALA A 120 4.25 21.41 6.20
N ASN A 121 3.67 22.35 5.45
CA ASN A 121 2.22 22.44 5.27
C ASN A 121 1.90 22.00 3.86
N ASN A 122 0.93 21.09 3.73
CA ASN A 122 0.51 20.56 2.44
C ASN A 122 0.20 21.62 1.38
N GLN A 123 -0.38 22.74 1.82
CA GLN A 123 -0.85 23.77 0.88
C GLN A 123 0.30 24.44 0.11
N PRO A 124 1.23 25.12 0.81
CA PRO A 124 2.35 25.68 0.05
C PRO A 124 3.17 24.60 -0.67
N CYS A 125 3.39 23.46 -0.03
CA CYS A 125 4.16 22.37 -0.67
C CYS A 125 3.56 21.88 -1.99
N THR A 126 2.23 21.85 -2.05
CA THR A 126 1.50 21.44 -3.26
C THR A 126 1.59 22.50 -4.35
N GLY A 127 1.37 23.76 -3.98
CA GLY A 127 1.42 24.84 -4.96
C GLY A 127 2.81 24.94 -5.55
N ILE A 128 3.81 24.85 -4.69
CA ILE A 128 5.19 24.98 -5.11
C ILE A 128 5.59 23.86 -6.08
N ILE A 129 5.26 22.60 -5.76
CA ILE A 129 5.70 21.50 -6.64
C ILE A 129 4.97 21.50 -7.98
N TYR A 130 3.68 21.82 -7.98
CA TYR A 130 2.93 21.88 -9.24
C TYR A 130 3.41 23.04 -10.10
N ALA A 131 3.75 24.15 -9.46
CA ALA A 131 4.33 25.29 -10.17
C ALA A 131 5.70 24.96 -10.71
N GLU A 132 6.48 24.21 -9.92
CA GLU A 132 7.82 23.79 -10.33
C GLU A 132 7.74 22.90 -11.57
N ILE A 133 6.82 21.95 -11.54
CA ILE A 133 6.60 21.06 -12.68
C ILE A 133 6.28 21.90 -13.92
N ALA A 134 5.28 22.76 -13.79
CA ALA A 134 4.87 23.65 -14.89
C ALA A 134 6.04 24.47 -15.42
N SER A 135 6.85 24.99 -14.51
CA SER A 135 7.98 25.84 -14.87
C SER A 135 9.10 25.10 -15.59
N ARG A 136 9.12 23.77 -15.51
CA ARG A 136 10.18 22.97 -16.12
C ARG A 136 9.75 22.31 -17.44
N TYR A 137 8.66 22.80 -18.02
CA TYR A 137 8.22 22.34 -19.33
C TYR A 137 9.34 22.56 -20.35
N LEU A 138 9.79 21.49 -20.98
CA LEU A 138 10.99 21.54 -21.83
C LEU A 138 10.76 22.29 -23.14
N LYS A 139 9.57 22.11 -23.71
CA LYS A 139 9.24 22.71 -25.01
C LYS A 139 8.45 24.01 -24.85
N ALA A 140 8.77 24.79 -23.81
CA ALA A 140 7.95 25.94 -23.41
C ALA A 140 7.98 27.08 -24.43
N ASP A 141 9.18 27.56 -24.75
CA ASP A 141 9.38 28.68 -25.70
C ASP A 141 8.72 30.01 -25.28
N SER A 142 8.55 30.20 -23.98
CA SER A 142 8.04 31.44 -23.41
C SER A 142 8.21 31.35 -21.91
N LYS A 143 8.38 32.50 -21.24
CA LYS A 143 8.36 32.53 -19.79
C LYS A 143 7.04 33.11 -19.26
N ASP A 144 6.04 33.19 -20.14
CA ASP A 144 4.69 33.57 -19.73
C ASP A 144 4.02 32.39 -19.04
N VAL A 145 3.52 32.61 -17.83
CA VAL A 145 2.76 31.58 -17.11
C VAL A 145 1.50 32.18 -16.51
N LEU A 146 0.38 31.47 -16.69
CA LEU A 146 -0.92 31.86 -16.15
C LEU A 146 -1.18 31.08 -14.87
N VAL A 147 -1.48 31.78 -13.78
CA VAL A 147 -1.87 31.16 -12.53
C VAL A 147 -3.34 31.46 -12.30
N VAL A 148 -4.16 30.42 -12.21
CA VAL A 148 -5.59 30.60 -11.89
C VAL A 148 -5.87 30.03 -10.51
N GLY A 149 -6.23 30.91 -9.58
CA GLY A 149 -6.39 30.56 -8.17
C GLY A 149 -5.17 31.02 -7.40
N LEU A 150 -5.38 31.97 -6.48
CA LEU A 150 -4.32 32.53 -5.66
C LEU A 150 -4.64 32.38 -4.18
N GLY A 151 -5.23 31.23 -3.82
CA GLY A 151 -5.49 30.90 -2.43
C GLY A 151 -4.29 30.26 -1.77
N LYS A 152 -4.56 29.36 -0.82
CA LYS A 152 -3.51 28.77 0.03
C LYS A 152 -2.53 27.89 -0.74
N VAL A 153 -2.98 27.31 -1.84
CA VAL A 153 -2.11 26.54 -2.72
C VAL A 153 -1.58 27.42 -3.86
N GLY A 154 -2.47 28.21 -4.45
CA GLY A 154 -2.15 29.01 -5.62
C GLY A 154 -1.12 30.09 -5.37
N PHE A 155 -1.27 30.83 -4.28
CA PHE A 155 -0.38 31.96 -3.99
C PHE A 155 1.09 31.53 -3.82
N PRO A 156 1.38 30.51 -3.00
CA PRO A 156 2.78 30.06 -2.90
C PRO A 156 3.34 29.53 -4.22
N GLY A 157 2.47 28.98 -5.06
CA GLY A 157 2.88 28.53 -6.39
C GLY A 157 3.26 29.72 -7.26
N ALA A 158 2.42 30.76 -7.26
CA ALA A 158 2.71 31.98 -8.01
C ALA A 158 4.02 32.60 -7.52
N GLU A 159 4.16 32.69 -6.21
CA GLU A 159 5.36 33.23 -5.59
C GLU A 159 6.60 32.47 -6.06
N HIS A 160 6.51 31.14 -6.12
CA HIS A 160 7.62 30.31 -6.60
C HIS A 160 7.96 30.59 -8.06
N LEU A 161 6.94 30.81 -8.88
CA LEU A 161 7.16 31.14 -10.29
C LEU A 161 7.81 32.53 -10.46
N VAL A 162 7.46 33.48 -9.61
CA VAL A 162 8.08 34.80 -9.62
C VAL A 162 9.56 34.69 -9.21
N GLN A 163 9.83 33.95 -8.14
CA GLN A 163 11.20 33.75 -7.66
C GLN A 163 12.09 33.08 -8.69
N LYS A 164 11.51 32.27 -9.59
CA LYS A 164 12.24 31.70 -10.72
C LYS A 164 12.25 32.62 -11.95
N ASP A 165 11.85 33.88 -11.77
CA ASP A 165 11.91 34.90 -12.81
C ASP A 165 11.05 34.61 -14.05
N PHE A 166 9.92 33.93 -13.86
CA PHE A 166 8.94 33.80 -14.94
C PHE A 166 8.10 35.07 -15.02
N ARG A 167 7.41 35.26 -16.14
CA ARG A 167 6.46 36.34 -16.32
C ARG A 167 5.06 35.83 -15.93
N VAL A 168 4.69 36.08 -14.68
CA VAL A 168 3.53 35.45 -14.07
C VAL A 168 2.27 36.31 -14.15
N TYR A 169 1.28 35.79 -14.87
CA TYR A 169 -0.05 36.37 -14.89
C TYR A 169 -0.90 35.62 -13.89
N GLY A 170 -1.75 36.33 -13.16
CA GLY A 170 -2.56 35.73 -12.13
C GLY A 170 -3.99 36.22 -12.20
N TYR A 171 -4.92 35.29 -11.93
CA TYR A 171 -6.32 35.63 -11.76
C TYR A 171 -6.93 34.83 -10.63
N ASP A 172 -7.76 35.50 -9.84
CA ASP A 172 -8.59 34.83 -8.84
C ASP A 172 -9.93 35.57 -8.84
N ALA A 173 -11.03 34.82 -8.74
CA ALA A 173 -12.36 35.41 -8.79
C ALA A 173 -12.71 36.22 -7.53
N ASP A 174 -11.92 36.04 -6.48
CA ASP A 174 -12.00 36.87 -5.28
C ASP A 174 -11.13 38.11 -5.51
N GLU A 175 -11.79 39.26 -5.70
CA GLU A 175 -11.09 40.50 -6.11
C GLU A 175 -10.06 40.95 -5.10
N THR A 176 -10.47 40.96 -3.83
CA THR A 176 -9.63 41.44 -2.74
C THR A 176 -8.33 40.64 -2.68
N LEU A 177 -8.44 39.33 -2.88
CA LEU A 177 -7.28 38.46 -2.88
C LEU A 177 -6.40 38.72 -4.10
N LEU A 178 -7.02 38.97 -5.26
CA LEU A 178 -6.27 39.28 -6.47
C LEU A 178 -5.44 40.55 -6.26
N GLU A 179 -6.06 41.55 -5.64
CA GLU A 179 -5.41 42.84 -5.36
C GLU A 179 -4.17 42.62 -4.51
N ARG A 180 -4.32 41.91 -3.41
CA ARG A 180 -3.20 41.63 -2.51
C ARG A 180 -2.09 40.83 -3.19
N ALA A 181 -2.46 39.87 -4.03
CA ALA A 181 -1.46 39.08 -4.76
C ALA A 181 -0.72 39.91 -5.79
N THR A 182 -1.42 40.84 -6.45
CA THR A 182 -0.83 41.65 -7.49
C THR A 182 0.11 42.73 -6.94
N SER A 183 -0.18 43.23 -5.74
CA SER A 183 0.69 44.20 -5.09
C SER A 183 1.88 43.55 -4.38
N ASN A 184 1.69 42.34 -3.85
CA ASN A 184 2.67 41.70 -2.94
C ASN A 184 3.72 40.78 -3.55
N LEU A 185 3.57 40.33 -4.79
CA LEU A 185 4.65 39.54 -5.42
C LEU A 185 4.92 39.83 -6.89
N GLY A 186 4.41 40.94 -7.40
CA GLY A 186 4.65 41.28 -8.78
C GLY A 186 4.17 40.19 -9.72
N ILE A 187 2.88 39.91 -9.63
CA ILE A 187 2.21 39.15 -10.66
C ILE A 187 1.29 40.11 -11.40
N ILE A 188 1.11 39.85 -12.69
CA ILE A 188 0.32 40.69 -13.56
C ILE A 188 -1.14 40.24 -13.46
N PRO A 189 -2.05 41.14 -13.02
CA PRO A 189 -3.44 40.77 -13.00
C PRO A 189 -3.92 40.41 -14.39
N PHE A 190 -4.55 39.25 -14.50
CA PHE A 190 -5.07 38.77 -15.76
C PHE A 190 -6.58 38.96 -15.77
N ASP A 191 -7.09 39.49 -16.87
CA ASP A 191 -8.52 39.60 -17.08
C ASP A 191 -8.91 38.39 -17.90
N PRO A 192 -9.85 37.57 -17.41
CA PRO A 192 -10.22 36.38 -18.19
C PRO A 192 -10.86 36.68 -19.54
N ALA A 193 -11.12 37.97 -19.82
CA ALA A 193 -11.51 38.42 -21.17
C ALA A 193 -10.32 38.84 -22.04
N ASN A 194 -9.09 38.66 -21.54
CA ASN A 194 -7.86 38.88 -22.31
C ASN A 194 -7.64 37.66 -23.19
N PRO A 195 -7.62 37.85 -24.53
CA PRO A 195 -7.51 36.67 -25.40
C PRO A 195 -6.08 36.11 -25.51
N LYS A 196 -5.29 36.23 -24.45
CA LYS A 196 -3.89 35.86 -24.50
C LYS A 196 -3.74 34.36 -24.31
N LYS A 197 -2.99 33.74 -25.21
CA LYS A 197 -2.76 32.31 -25.17
C LYS A 197 -1.54 32.01 -24.33
N PHE A 198 -1.59 30.90 -23.59
CA PHE A 198 -0.49 30.47 -22.74
C PHE A 198 -0.11 29.03 -23.08
N SER A 199 1.18 28.73 -23.05
CA SER A 199 1.65 27.35 -23.18
C SER A 199 1.88 26.67 -21.82
N ILE A 200 1.95 27.46 -20.75
CA ILE A 200 2.09 26.96 -19.38
C ILE A 200 1.00 27.55 -18.50
N ILE A 201 0.24 26.68 -17.82
CA ILE A 201 -0.81 27.12 -16.91
C ILE A 201 -0.79 26.32 -15.61
N PHE A 202 -0.84 27.03 -14.48
CA PHE A 202 -0.94 26.43 -13.16
C PHE A 202 -2.28 26.83 -12.56
N GLU A 203 -3.13 25.86 -12.24
CA GLU A 203 -4.47 26.13 -11.69
C GLU A 203 -4.65 25.47 -10.33
N ALA A 204 -5.14 26.23 -9.36
CA ALA A 204 -5.41 25.72 -8.02
C ALA A 204 -6.72 26.27 -7.45
N THR A 205 -7.85 25.78 -7.97
CA THR A 205 -9.16 26.12 -7.43
C THR A 205 -9.98 24.85 -7.17
N PRO A 206 -11.06 24.97 -6.36
CA PRO A 206 -11.98 23.84 -6.18
C PRO A 206 -13.13 23.80 -7.19
N CYS A 207 -12.95 24.42 -8.36
CA CYS A 207 -14.03 24.64 -9.32
C CYS A 207 -13.72 24.12 -10.71
N ALA A 208 -14.76 23.64 -11.39
CA ALA A 208 -14.64 23.21 -12.79
C ALA A 208 -14.69 24.40 -13.74
N ASN A 209 -14.14 24.21 -14.94
CA ASN A 209 -14.23 25.19 -16.03
C ASN A 209 -13.66 26.57 -15.72
N THR A 210 -12.48 26.59 -15.11
CA THR A 210 -11.82 27.85 -14.72
C THR A 210 -10.81 28.35 -15.74
N ILE A 211 -10.48 27.53 -16.73
CA ILE A 211 -9.57 27.95 -17.80
C ILE A 211 -10.38 28.19 -19.06
N PRO A 212 -10.51 29.46 -19.49
CA PRO A 212 -11.26 29.71 -20.73
C PRO A 212 -10.57 29.11 -21.95
N GLU A 213 -11.36 28.68 -22.92
CA GLU A 213 -10.82 28.10 -24.15
C GLU A 213 -9.81 29.04 -24.86
N ALA A 214 -10.13 30.33 -24.90
CA ALA A 214 -9.28 31.34 -25.58
C ALA A 214 -7.88 31.46 -25.00
N VAL A 215 -7.68 30.94 -23.79
CA VAL A 215 -6.40 30.98 -23.10
C VAL A 215 -5.51 29.80 -23.50
N LEU A 216 -6.11 28.74 -24.02
CA LEU A 216 -5.37 27.52 -24.36
C LEU A 216 -4.64 27.61 -25.69
N SER A 217 -3.41 27.12 -25.72
CA SER A 217 -2.67 26.87 -26.96
C SER A 217 -2.57 25.36 -27.17
N GLU A 218 -2.09 24.96 -28.34
CA GLU A 218 -1.91 23.54 -28.65
C GLU A 218 -0.79 22.96 -27.79
N ASN A 219 -1.06 21.80 -27.18
CA ASN A 219 -0.07 21.09 -26.37
C ASN A 219 0.42 21.84 -25.14
N CYS A 220 -0.37 22.80 -24.66
CA CYS A 220 0.01 23.54 -23.47
C CYS A 220 0.00 22.62 -22.25
N VAL A 221 0.87 22.94 -21.30
CA VAL A 221 0.93 22.22 -20.05
C VAL A 221 -0.08 22.84 -19.08
N LEU A 222 -0.92 21.99 -18.49
CA LEU A 222 -1.84 22.42 -17.44
C LEU A 222 -1.51 21.63 -16.18
N SER A 223 -0.89 22.31 -15.23
CA SER A 223 -0.46 21.70 -13.98
C SER A 223 -1.43 22.15 -12.91
N THR A 224 -2.24 21.21 -12.39
CA THR A 224 -3.31 21.57 -11.46
C THR A 224 -3.56 20.53 -10.37
N PRO A 225 -3.42 20.94 -9.09
CA PRO A 225 -3.89 20.11 -7.99
C PRO A 225 -5.37 20.27 -7.72
N GLY A 226 -6.03 21.22 -8.38
CA GLY A 226 -7.44 21.51 -8.13
C GLY A 226 -8.36 20.34 -8.41
N ILE A 227 -9.51 20.33 -7.73
CA ILE A 227 -10.51 19.27 -7.84
C ILE A 227 -11.90 19.92 -7.81
N PRO A 228 -12.77 19.62 -8.79
CA PRO A 228 -12.63 18.76 -9.95
C PRO A 228 -11.75 19.41 -11.01
N CYS A 229 -11.66 18.81 -12.20
CA CYS A 229 -10.70 19.28 -13.20
C CYS A 229 -11.04 20.68 -13.74
N ALA A 230 -9.99 21.46 -13.97
CA ALA A 230 -10.12 22.86 -14.38
C ALA A 230 -10.68 23.02 -15.80
N ILE A 231 -10.46 22.02 -16.65
CA ILE A 231 -11.09 22.00 -17.97
C ILE A 231 -11.85 20.70 -18.23
N SER A 232 -12.85 20.78 -19.08
CA SER A 232 -13.59 19.59 -19.52
C SER A 232 -12.68 18.67 -20.33
N GLU A 233 -13.07 17.41 -20.42
CA GLU A 233 -12.38 16.44 -21.27
C GLU A 233 -12.38 16.88 -22.74
N GLU A 234 -13.44 17.56 -23.16
CA GLU A 234 -13.57 18.07 -24.52
C GLU A 234 -12.43 19.03 -24.89
N LEU A 235 -12.23 20.07 -24.08
CA LEU A 235 -11.18 21.06 -24.34
C LEU A 235 -9.79 20.43 -24.23
N ARG A 236 -9.61 19.54 -23.27
CA ARG A 236 -8.34 18.86 -23.07
C ARG A 236 -7.90 18.12 -24.34
N ASP A 237 -8.81 17.33 -24.90
CA ASP A 237 -8.51 16.58 -26.12
C ASP A 237 -8.40 17.50 -27.33
N LYS A 238 -9.30 18.47 -27.43
CA LYS A 238 -9.28 19.44 -28.55
C LYS A 238 -7.97 20.22 -28.67
N TYR A 239 -7.33 20.53 -27.55
CA TYR A 239 -6.07 21.27 -27.56
C TYR A 239 -4.87 20.42 -27.17
N GLU A 240 -5.10 19.13 -26.94
CA GLU A 240 -4.03 18.19 -26.64
C GLU A 240 -3.25 18.65 -25.40
N VAL A 241 -3.99 19.07 -24.39
CA VAL A 241 -3.40 19.63 -23.19
C VAL A 241 -2.60 18.55 -22.47
N GLN A 242 -1.38 18.87 -22.08
CA GLN A 242 -0.58 17.97 -21.28
C GLN A 242 -0.93 18.22 -19.82
N LEU A 243 -1.78 17.34 -19.29
CA LEU A 243 -2.38 17.50 -17.98
C LEU A 243 -1.50 16.86 -16.91
N ILE A 244 -1.20 17.63 -15.85
CA ILE A 244 -0.56 17.10 -14.64
C ILE A 244 -1.52 17.34 -13.47
N ALA A 245 -2.17 16.27 -13.02
CA ALA A 245 -3.22 16.37 -12.02
C ALA A 245 -3.33 15.07 -11.26
N GLU A 246 -3.21 15.15 -9.94
CA GLU A 246 -3.26 13.95 -9.13
C GLU A 246 -3.76 14.34 -7.72
N PRO A 247 -4.57 13.48 -7.09
CA PRO A 247 -5.36 13.93 -5.92
C PRO A 247 -4.62 14.21 -4.62
N LEU A 248 -3.43 13.64 -4.40
CA LEU A 248 -2.81 13.67 -3.05
C LEU A 248 -1.31 13.40 -3.03
N GLY A 249 -0.85 12.46 -3.83
CA GLY A 249 0.52 11.99 -3.76
C GLY A 249 1.63 12.98 -4.08
N ILE A 250 1.44 13.77 -5.12
CA ILE A 250 2.50 14.70 -5.55
C ILE A 250 2.77 15.71 -4.43
N GLY A 251 1.70 16.27 -3.88
CA GLY A 251 1.83 17.21 -2.77
C GLY A 251 2.46 16.57 -1.56
N THR A 252 2.10 15.32 -1.29
CA THR A 252 2.67 14.60 -0.18
C THR A 252 4.17 14.37 -0.39
N ALA A 253 4.57 14.03 -1.61
CA ALA A 253 6.00 13.86 -1.92
C ALA A 253 6.72 15.18 -1.67
N SER A 254 6.12 16.28 -2.13
CA SER A 254 6.68 17.62 -1.91
C SER A 254 6.88 17.92 -0.42
N MET A 255 5.89 17.59 0.41
CA MET A 255 6.01 17.77 1.85
C MET A 255 7.19 16.99 2.44
N LEU A 256 7.30 15.72 2.07
CA LEU A 256 8.32 14.85 2.66
C LEU A 256 9.73 15.27 2.25
N TYR A 257 9.93 15.55 0.96
CA TYR A 257 11.25 15.98 0.51
C TYR A 257 11.65 17.35 1.06
N SER A 258 10.67 18.21 1.31
CA SER A 258 10.94 19.54 1.85
C SER A 258 11.43 19.49 3.30
N VAL A 259 11.13 18.42 4.03
CA VAL A 259 11.57 18.33 5.43
C VAL A 259 12.75 17.38 5.65
N LEU A 260 13.25 16.77 4.58
CA LEU A 260 14.39 15.85 4.71
C LEU A 260 15.71 16.58 4.91
N THR B 6 18.88 -26.65 17.23
CA THR B 6 20.31 -26.46 16.84
C THR B 6 20.57 -24.99 16.48
N PRO B 7 21.66 -24.42 17.00
CA PRO B 7 21.99 -23.01 16.74
C PRO B 7 21.99 -22.60 15.26
N ASP B 8 22.40 -23.51 14.39
CA ASP B 8 22.45 -23.24 12.94
C ASP B 8 21.03 -23.11 12.38
N ASP B 9 20.17 -24.07 12.71
CA ASP B 9 18.79 -24.11 12.21
C ASP B 9 17.95 -22.96 12.76
N LEU B 10 18.33 -22.48 13.95
CA LEU B 10 17.67 -21.34 14.57
C LEU B 10 17.97 -20.05 13.81
N ILE B 11 19.22 -19.85 13.42
CA ILE B 11 19.59 -18.73 12.54
C ILE B 11 18.77 -18.77 11.26
N ASN B 12 18.58 -19.97 10.72
CA ASN B 12 17.89 -20.15 9.43
C ASN B 12 16.40 -19.87 9.50
N ILE B 13 15.72 -20.38 10.53
CA ILE B 13 14.28 -20.14 10.66
C ILE B 13 14.00 -18.66 10.90
N ASN B 14 14.85 -18.01 11.70
CA ASN B 14 14.79 -16.56 11.92
C ASN B 14 14.99 -15.76 10.64
N MET B 15 15.96 -16.18 9.85
CA MET B 15 16.22 -15.55 8.55
C MET B 15 15.10 -15.81 7.55
N GLN B 16 14.47 -16.97 7.64
CA GLN B 16 13.38 -17.34 6.75
C GLN B 16 12.15 -16.47 7.03
N LEU B 17 11.85 -16.29 8.32
CA LEU B 17 10.76 -15.43 8.75
C LEU B 17 11.04 -13.98 8.39
N GLN B 18 12.25 -13.54 8.67
CA GLN B 18 12.68 -12.18 8.34
C GLN B 18 12.59 -11.90 6.84
N LYS B 19 12.98 -12.87 6.01
CA LYS B 19 12.88 -12.73 4.55
C LYS B 19 11.42 -12.65 4.13
N ALA B 20 10.62 -13.56 4.68
CA ALA B 20 9.18 -13.57 4.41
C ALA B 20 8.54 -12.24 4.83
N ASP B 21 8.94 -11.73 5.99
CA ASP B 21 8.41 -10.46 6.51
C ASP B 21 8.73 -9.30 5.55
N SER B 22 9.97 -9.24 5.09
CA SER B 22 10.38 -8.20 4.14
C SER B 22 9.62 -8.28 2.82
N ALA B 23 9.32 -9.51 2.36
CA ALA B 23 8.61 -9.68 1.09
C ALA B 23 7.14 -9.27 1.21
N VAL B 24 6.54 -9.56 2.36
CA VAL B 24 5.18 -9.13 2.61
C VAL B 24 5.15 -7.59 2.67
N GLN B 25 6.16 -7.01 3.31
CA GLN B 25 6.32 -5.56 3.40
C GLN B 25 6.50 -4.88 2.04
N GLU B 26 7.26 -5.51 1.15
CA GLU B 26 7.43 -4.98 -0.20
C GLU B 26 6.09 -4.97 -0.94
N VAL B 27 5.35 -6.06 -0.81
CA VAL B 27 4.10 -6.23 -1.54
C VAL B 27 2.96 -5.38 -0.97
N THR B 28 2.85 -5.31 0.36
CA THR B 28 1.67 -4.74 1.03
C THR B 28 1.93 -3.47 1.81
N GLY B 29 3.20 -3.19 2.11
CA GLY B 29 3.57 -2.10 3.00
C GLY B 29 3.36 -2.39 4.46
N LEU B 30 3.11 -3.66 4.81
CA LEU B 30 2.95 -4.10 6.19
C LEU B 30 3.81 -5.34 6.41
N ASP B 31 4.24 -5.55 7.64
CA ASP B 31 4.88 -6.82 8.02
C ASP B 31 3.79 -7.83 8.38
N ILE B 32 4.18 -9.07 8.64
CA ILE B 32 3.22 -10.15 8.88
C ILE B 32 2.30 -9.80 10.05
N LYS B 33 2.88 -9.29 11.12
CA LYS B 33 2.14 -8.84 12.29
C LYS B 33 1.11 -7.76 11.92
N GLY B 34 1.54 -6.79 11.12
CA GLY B 34 0.64 -5.75 10.60
C GLY B 34 -0.52 -6.35 9.83
N ILE B 35 -0.24 -7.32 8.97
CA ILE B 35 -1.29 -8.00 8.22
C ILE B 35 -2.29 -8.65 9.19
N CYS B 36 -1.78 -9.36 10.18
CA CYS B 36 -2.63 -10.08 11.14
C CYS B 36 -3.51 -9.15 11.97
N LYS B 37 -2.94 -8.05 12.43
CA LYS B 37 -3.67 -7.10 13.27
C LYS B 37 -4.86 -6.51 12.51
N ALA B 38 -4.65 -6.16 11.24
CA ALA B 38 -5.72 -5.61 10.41
C ALA B 38 -6.72 -6.68 9.95
N LEU B 39 -6.22 -7.89 9.70
CA LEU B 39 -7.07 -8.99 9.29
C LEU B 39 -8.09 -9.33 10.36
N TYR B 40 -7.63 -9.42 11.61
CA TYR B 40 -8.46 -9.89 12.72
C TYR B 40 -8.90 -8.81 13.71
N GLY B 41 -8.27 -7.65 13.68
CA GLY B 41 -8.59 -6.57 14.61
C GLY B 41 -8.18 -6.88 16.04
N THR B 42 -7.13 -7.68 16.19
CA THR B 42 -6.66 -8.13 17.50
C THR B 42 -5.20 -7.75 17.68
N PHE B 43 -4.76 -7.77 18.93
CA PHE B 43 -3.38 -7.44 19.26
C PHE B 43 -2.86 -8.41 20.32
N SER B 44 -1.55 -8.58 20.35
CA SER B 44 -0.89 -9.51 21.27
C SER B 44 -0.47 -8.83 22.57
N SER B 45 -0.61 -9.55 23.69
CA SER B 45 -0.14 -9.07 24.99
C SER B 45 0.82 -10.09 25.61
N SER B 46 1.73 -10.60 24.77
CA SER B 46 2.66 -11.66 25.16
C SER B 46 1.93 -12.81 25.86
N GLU B 47 0.89 -13.34 25.23
CA GLU B 47 0.13 -14.47 25.80
C GLU B 47 1.04 -15.65 25.98
N LYS B 48 0.77 -16.43 27.02
CA LYS B 48 1.57 -17.61 27.26
C LYS B 48 1.07 -18.73 26.34
N VAL B 49 1.95 -19.16 25.43
CA VAL B 49 1.61 -20.19 24.46
C VAL B 49 2.32 -21.50 24.82
N GLY B 50 1.53 -22.53 25.12
CA GLY B 50 2.06 -23.87 25.40
C GLY B 50 2.08 -24.74 24.15
N ILE B 51 3.27 -25.17 23.73
CA ILE B 51 3.43 -26.00 22.54
C ILE B 51 3.61 -27.45 22.96
N VAL B 52 2.70 -28.31 22.54
CA VAL B 52 2.65 -29.69 22.99
C VAL B 52 3.07 -30.64 21.88
N PRO B 53 4.25 -31.28 22.01
CA PRO B 53 4.63 -32.28 20.99
C PRO B 53 3.62 -33.42 20.98
N VAL B 54 3.32 -33.95 19.81
CA VAL B 54 2.30 -35.00 19.66
C VAL B 54 2.91 -36.18 18.88
N THR B 55 2.76 -37.38 19.45
CA THR B 55 3.38 -38.59 18.90
C THR B 55 2.50 -39.29 17.89
N SER B 56 1.22 -38.89 17.82
CA SER B 56 0.29 -39.39 16.82
C SER B 56 0.88 -39.32 15.42
N GLY B 57 0.41 -40.22 14.54
CA GLY B 57 0.84 -40.20 13.16
C GLY B 57 2.27 -40.68 13.05
N ASN B 58 3.12 -39.89 12.42
CA ASN B 58 4.47 -40.33 12.22
C ASN B 58 5.44 -39.88 13.28
N GLY B 59 4.93 -39.61 14.47
CA GLY B 59 5.74 -39.39 15.68
C GLY B 59 6.03 -37.94 15.99
N ILE B 60 6.75 -37.72 17.09
CA ILE B 60 7.28 -36.39 17.41
C ILE B 60 8.22 -36.03 16.28
N ILE B 61 7.73 -35.14 15.43
CA ILE B 61 8.48 -34.73 14.26
C ILE B 61 9.72 -33.94 14.66
N GLY B 62 10.85 -34.31 14.05
CA GLY B 62 12.10 -33.64 14.29
C GLY B 62 11.92 -32.14 14.18
N ASN B 63 12.06 -31.45 15.31
CA ASN B 63 12.06 -29.99 15.39
C ASN B 63 10.74 -29.24 15.03
N PHE B 64 9.61 -29.93 14.93
CA PHE B 64 8.34 -29.24 14.63
C PHE B 64 7.99 -28.29 15.77
N SER B 65 7.93 -28.84 16.99
CA SER B 65 7.68 -28.05 18.18
C SER B 65 8.74 -26.97 18.36
N ALA B 66 9.98 -27.33 18.07
CA ALA B 66 11.10 -26.40 18.19
C ALA B 66 10.95 -25.25 17.20
N SER B 67 10.46 -25.56 15.99
CA SER B 67 10.19 -24.53 15.00
C SER B 67 9.07 -23.60 15.45
N LEU B 68 7.98 -24.18 15.94
CA LEU B 68 6.88 -23.37 16.50
C LEU B 68 7.37 -22.48 17.62
N HIS B 69 8.26 -23.00 18.46
CA HIS B 69 8.83 -22.19 19.54
C HIS B 69 9.59 -20.99 18.97
N ALA B 70 10.40 -21.22 17.95
CA ALA B 70 11.13 -20.12 17.30
C ALA B 70 10.16 -19.14 16.63
N ILE B 71 9.14 -19.68 15.95
CA ILE B 71 8.13 -18.86 15.30
C ILE B 71 7.36 -17.99 16.30
N THR B 72 6.91 -18.58 17.39
CA THR B 72 6.16 -17.85 18.42
C THR B 72 7.03 -16.80 19.13
N GLN B 73 8.31 -17.09 19.33
CA GLN B 73 9.25 -16.11 19.89
C GLN B 73 9.39 -14.92 18.93
N TYR B 74 9.58 -15.22 17.65
CA TYR B 74 9.71 -14.19 16.62
C TYR B 74 8.53 -13.19 16.64
N PHE B 75 7.31 -13.69 16.87
CA PHE B 75 6.12 -12.81 16.92
C PHE B 75 5.77 -12.29 18.31
N GLY B 76 6.69 -12.45 19.27
CA GLY B 76 6.59 -11.80 20.57
C GLY B 76 5.79 -12.51 21.66
N PHE B 77 5.38 -13.74 21.39
CA PHE B 77 4.62 -14.52 22.38
C PHE B 77 5.54 -15.17 23.39
N ASP B 78 5.06 -15.29 24.62
CA ASP B 78 5.78 -15.98 25.69
C ASP B 78 5.54 -17.49 25.58
N SER B 79 6.29 -18.15 24.71
CA SER B 79 6.03 -19.56 24.41
C SER B 79 6.96 -20.52 25.14
N PHE B 80 6.48 -21.76 25.32
CA PHE B 80 7.30 -22.84 25.83
C PHE B 80 6.85 -24.17 25.22
N VAL B 81 7.81 -25.09 25.09
CA VAL B 81 7.56 -26.45 24.63
C VAL B 81 7.54 -27.34 25.88
N THR B 82 6.48 -28.13 26.05
CA THR B 82 6.36 -29.01 27.22
C THR B 82 7.36 -30.16 27.12
N ASP B 83 7.81 -30.66 28.26
CA ASP B 83 8.70 -31.81 28.32
C ASP B 83 8.03 -33.08 27.84
N MET B 84 6.79 -33.31 28.28
CA MET B 84 6.04 -34.51 27.91
C MET B 84 5.25 -34.27 26.62
N PRO B 85 5.00 -35.33 25.84
CA PRO B 85 4.15 -35.20 24.67
C PRO B 85 2.70 -35.54 24.99
N ASP B 86 1.82 -35.38 24.00
CA ASP B 86 0.44 -35.86 24.06
C ASP B 86 -0.35 -35.34 25.28
N VAL B 87 -1.13 -36.20 25.93
CA VAL B 87 -2.04 -35.78 27.01
C VAL B 87 -1.24 -35.31 28.24
N SER B 88 -0.15 -36.02 28.54
CA SER B 88 0.72 -35.62 29.65
C SER B 88 1.31 -34.24 29.39
N GLY B 89 1.62 -33.95 28.13
CA GLY B 89 2.08 -32.62 27.75
C GLY B 89 1.00 -31.54 27.81
N TYR B 90 -0.21 -31.89 27.40
CA TYR B 90 -1.33 -30.95 27.46
C TYR B 90 -1.58 -30.53 28.90
N TYR B 91 -1.67 -31.52 29.78
CA TYR B 91 -1.79 -31.32 31.23
C TYR B 91 -0.71 -30.38 31.74
N GLU B 92 0.52 -30.68 31.38
CA GLU B 92 1.68 -29.89 31.77
C GLU B 92 1.56 -28.45 31.26
N ALA B 93 1.08 -28.28 30.03
CA ALA B 93 0.94 -26.93 29.46
C ALA B 93 -0.08 -26.12 30.26
N VAL B 94 -1.23 -26.72 30.53
CA VAL B 94 -2.29 -26.04 31.27
C VAL B 94 -1.83 -25.73 32.69
N GLN B 95 -1.15 -26.68 33.33
CA GLN B 95 -0.62 -26.46 34.69
C GLN B 95 0.39 -25.33 34.74
N ASN B 96 1.21 -25.18 33.69
CA ASN B 96 2.22 -24.13 33.66
C ASN B 96 1.67 -22.80 33.13
N GLY B 97 0.34 -22.66 33.10
CA GLY B 97 -0.31 -21.38 32.82
C GLY B 97 -0.45 -21.02 31.36
N ALA B 98 -0.53 -22.01 30.47
CA ALA B 98 -0.72 -21.71 29.06
C ALA B 98 -2.11 -21.11 28.84
N GLU B 99 -2.17 -19.98 28.14
CA GLU B 99 -3.45 -19.37 27.77
C GLU B 99 -3.90 -19.87 26.41
N ILE B 100 -2.93 -20.05 25.52
CA ILE B 100 -3.17 -20.65 24.19
C ILE B 100 -2.38 -21.96 24.09
N ILE B 101 -3.03 -23.00 23.57
CA ILE B 101 -2.39 -24.30 23.33
C ILE B 101 -2.18 -24.49 21.84
N LEU B 102 -0.95 -24.82 21.46
CA LEU B 102 -0.58 -25.06 20.06
C LEU B 102 -0.16 -26.53 19.93
N MET B 103 -0.83 -27.29 19.06
CA MET B 103 -0.49 -28.70 18.86
C MET B 103 -1.07 -29.25 17.56
N ALA B 104 -0.44 -30.30 17.04
CA ALA B 104 -0.82 -30.86 15.76
C ALA B 104 -0.63 -32.38 15.68
N ASP B 105 -1.61 -33.08 15.10
CA ASP B 105 -1.37 -34.43 14.58
C ASP B 105 -1.22 -34.31 13.05
N ASP B 106 -1.28 -35.41 12.32
CA ASP B 106 -0.98 -35.36 10.89
C ASP B 106 -2.10 -34.71 10.08
N ARG B 107 -3.29 -34.62 10.68
CA ARG B 107 -4.48 -34.14 10.01
C ARG B 107 -4.90 -32.72 10.44
N THR B 108 -4.55 -32.32 11.66
CA THR B 108 -5.04 -31.08 12.26
C THR B 108 -3.95 -30.42 13.08
N PHE B 109 -3.67 -29.15 12.76
CA PHE B 109 -2.78 -28.32 13.56
C PHE B 109 -3.65 -27.20 14.08
N LEU B 110 -3.75 -27.07 15.40
CA LEU B 110 -4.67 -26.12 16.00
C LEU B 110 -4.03 -25.24 17.07
N ALA B 111 -4.66 -24.09 17.29
CA ALA B 111 -4.36 -23.19 18.40
C ALA B 111 -5.66 -23.03 19.18
N HIS B 112 -5.63 -23.26 20.50
CA HIS B 112 -6.83 -23.16 21.32
C HIS B 112 -6.59 -22.16 22.43
N ASN B 113 -7.33 -21.06 22.41
CA ASN B 113 -7.24 -20.05 23.46
C ASN B 113 -8.18 -20.44 24.58
N LEU B 114 -7.60 -20.83 25.71
CA LEU B 114 -8.37 -21.31 26.86
C LEU B 114 -9.09 -20.17 27.60
N LYS B 115 -8.58 -18.95 27.48
CA LYS B 115 -9.21 -17.79 28.13
C LYS B 115 -10.55 -17.42 27.50
N ASN B 116 -10.57 -17.29 26.18
CA ASN B 116 -11.79 -16.86 25.48
C ASN B 116 -12.49 -17.98 24.72
N GLY B 117 -11.91 -19.18 24.71
CA GLY B 117 -12.52 -20.34 24.05
C GLY B 117 -12.39 -20.41 22.54
N LYS B 118 -11.70 -19.46 21.92
CA LYS B 118 -11.58 -19.45 20.47
C LYS B 118 -10.58 -20.52 20.01
N MET B 119 -10.85 -21.15 18.89
CA MET B 119 -10.00 -22.21 18.37
C MET B 119 -9.81 -22.03 16.88
N ALA B 120 -8.57 -22.21 16.44
CA ALA B 120 -8.18 -21.99 15.05
C ALA B 120 -7.66 -23.29 14.45
N ASN B 121 -7.97 -23.48 13.17
CA ASN B 121 -7.40 -24.57 12.38
C ASN B 121 -6.39 -23.98 11.38
N ASN B 122 -5.22 -24.60 11.29
CA ASN B 122 -4.14 -24.09 10.45
C ASN B 122 -4.53 -23.87 9.00
N GLN B 123 -5.39 -24.73 8.47
CA GLN B 123 -5.72 -24.70 7.04
C GLN B 123 -6.53 -23.46 6.60
N PRO B 124 -7.69 -23.19 7.21
CA PRO B 124 -8.36 -21.94 6.85
C PRO B 124 -7.55 -20.70 7.23
N CYS B 125 -6.89 -20.72 8.37
CA CYS B 125 -6.06 -19.59 8.79
C CYS B 125 -4.93 -19.28 7.80
N THR B 126 -4.33 -20.33 7.23
CA THR B 126 -3.29 -20.16 6.23
C THR B 126 -3.84 -19.62 4.91
N GLY B 127 -4.94 -20.20 4.42
CA GLY B 127 -5.56 -19.74 3.18
C GLY B 127 -5.98 -18.29 3.26
N ILE B 128 -6.59 -17.92 4.38
CA ILE B 128 -7.07 -16.58 4.59
C ILE B 128 -5.91 -15.58 4.59
N ILE B 129 -4.87 -15.85 5.38
CA ILE B 129 -3.79 -14.87 5.47
C ILE B 129 -3.03 -14.74 4.15
N TYR B 130 -2.79 -15.84 3.43
CA TYR B 130 -2.08 -15.74 2.16
C TYR B 130 -2.95 -15.02 1.11
N ALA B 131 -4.25 -15.23 1.18
CA ALA B 131 -5.19 -14.56 0.29
C ALA B 131 -5.30 -13.09 0.65
N GLU B 132 -5.28 -12.79 1.95
CA GLU B 132 -5.24 -11.41 2.46
C GLU B 132 -4.01 -10.65 1.99
N ILE B 133 -2.84 -11.30 2.05
CA ILE B 133 -1.61 -10.66 1.60
C ILE B 133 -1.72 -10.30 0.12
N ALA B 134 -2.21 -11.23 -0.69
CA ALA B 134 -2.40 -11.01 -2.12
C ALA B 134 -3.36 -9.85 -2.42
N SER B 135 -4.47 -9.82 -1.68
CA SER B 135 -5.47 -8.78 -1.86
C SER B 135 -4.93 -7.39 -1.55
N ARG B 136 -3.92 -7.32 -0.70
CA ARG B 136 -3.36 -6.03 -0.28
C ARG B 136 -2.12 -5.61 -1.08
N TYR B 137 -1.97 -6.16 -2.28
CA TYR B 137 -0.89 -5.79 -3.17
C TYR B 137 -1.01 -4.32 -3.61
N LEU B 138 -0.10 -3.48 -3.14
CA LEU B 138 -0.13 -2.03 -3.41
C LEU B 138 -0.11 -1.65 -4.90
N LYS B 139 0.62 -2.38 -5.73
CA LYS B 139 0.73 -2.04 -7.14
C LYS B 139 -0.14 -2.93 -8.03
N ALA B 140 -1.29 -3.32 -7.51
CA ALA B 140 -2.15 -4.30 -8.20
C ALA B 140 -2.47 -3.94 -9.66
N ASP B 141 -3.26 -2.89 -9.88
CA ASP B 141 -3.76 -2.51 -11.24
C ASP B 141 -5.05 -3.20 -11.70
N SER B 142 -5.55 -4.17 -10.94
CA SER B 142 -6.76 -4.89 -11.30
C SER B 142 -7.35 -5.63 -10.10
N LYS B 143 -8.68 -5.72 -10.07
CA LYS B 143 -9.41 -6.54 -9.08
C LYS B 143 -9.44 -8.03 -9.45
N ASP B 144 -8.89 -8.39 -10.62
CA ASP B 144 -8.81 -9.78 -11.03
C ASP B 144 -7.81 -10.55 -10.17
N VAL B 145 -8.24 -11.67 -9.62
CA VAL B 145 -7.37 -12.56 -8.85
C VAL B 145 -7.62 -14.02 -9.24
N LEU B 146 -6.53 -14.74 -9.51
CA LEU B 146 -6.58 -16.15 -9.86
C LEU B 146 -6.29 -16.98 -8.60
N VAL B 147 -7.19 -17.91 -8.27
CA VAL B 147 -6.97 -18.87 -7.21
C VAL B 147 -6.77 -20.26 -7.84
N VAL B 148 -5.59 -20.84 -7.63
CA VAL B 148 -5.30 -22.21 -8.06
C VAL B 148 -5.19 -23.12 -6.84
N GLY B 149 -6.08 -24.10 -6.76
CA GLY B 149 -6.20 -24.96 -5.58
C GLY B 149 -7.35 -24.48 -4.71
N LEU B 150 -8.40 -25.29 -4.63
CA LEU B 150 -9.59 -24.94 -3.85
C LEU B 150 -9.88 -26.03 -2.80
N GLY B 151 -8.80 -26.54 -2.20
CA GLY B 151 -8.89 -27.52 -1.12
C GLY B 151 -9.11 -26.88 0.24
N LYS B 152 -8.54 -27.49 1.27
CA LYS B 152 -8.78 -27.07 2.65
C LYS B 152 -8.16 -25.72 2.93
N VAL B 153 -7.04 -25.42 2.28
CA VAL B 153 -6.38 -24.12 2.37
C VAL B 153 -6.96 -23.15 1.34
N GLY B 154 -7.08 -23.61 0.10
CA GLY B 154 -7.52 -22.76 -1.02
C GLY B 154 -8.94 -22.23 -0.96
N PHE B 155 -9.90 -23.07 -0.56
CA PHE B 155 -11.30 -22.66 -0.53
C PHE B 155 -11.54 -21.49 0.42
N PRO B 156 -11.13 -21.60 1.69
CA PRO B 156 -11.30 -20.45 2.60
C PRO B 156 -10.60 -19.19 2.10
N GLY B 157 -9.45 -19.36 1.44
CA GLY B 157 -8.76 -18.24 0.82
C GLY B 157 -9.58 -17.58 -0.28
N ALA B 158 -10.13 -18.39 -1.17
CA ALA B 158 -10.95 -17.87 -2.26
C ALA B 158 -12.20 -17.16 -1.70
N GLU B 159 -12.81 -17.76 -0.69
CA GLU B 159 -13.98 -17.20 -0.01
C GLU B 159 -13.69 -15.83 0.57
N HIS B 160 -12.51 -15.67 1.18
CA HIS B 160 -12.07 -14.39 1.75
C HIS B 160 -11.95 -13.31 0.67
N LEU B 161 -11.33 -13.68 -0.45
CA LEU B 161 -11.19 -12.78 -1.59
C LEU B 161 -12.54 -12.37 -2.20
N VAL B 162 -13.47 -13.32 -2.28
CA VAL B 162 -14.84 -13.01 -2.73
C VAL B 162 -15.52 -12.03 -1.78
N GLN B 163 -15.39 -12.28 -0.47
CA GLN B 163 -15.97 -11.40 0.54
C GLN B 163 -15.37 -9.99 0.53
N LYS B 164 -14.11 -9.87 0.12
CA LYS B 164 -13.47 -8.54 0.02
C LYS B 164 -13.73 -7.86 -1.34
N ASP B 165 -14.58 -8.47 -2.16
CA ASP B 165 -15.08 -7.86 -3.39
C ASP B 165 -14.05 -7.85 -4.53
N PHE B 166 -13.24 -8.89 -4.60
CA PHE B 166 -12.37 -9.08 -5.77
C PHE B 166 -13.14 -9.84 -6.84
N ARG B 167 -12.68 -9.76 -8.08
CA ARG B 167 -13.22 -10.59 -9.15
C ARG B 167 -12.39 -11.88 -9.15
N VAL B 168 -12.91 -12.90 -8.48
CA VAL B 168 -12.13 -14.12 -8.23
C VAL B 168 -12.34 -15.18 -9.31
N TYR B 169 -11.24 -15.57 -9.96
CA TYR B 169 -11.24 -16.72 -10.87
C TYR B 169 -10.62 -17.92 -10.15
N GLY B 170 -11.19 -19.10 -10.36
CA GLY B 170 -10.76 -20.29 -9.65
C GLY B 170 -10.51 -21.49 -10.54
N TYR B 171 -9.46 -22.24 -10.24
CA TYR B 171 -9.24 -23.53 -10.89
C TYR B 171 -8.73 -24.55 -9.90
N ASP B 172 -9.26 -25.77 -10.02
CA ASP B 172 -8.78 -26.92 -9.27
C ASP B 172 -8.92 -28.10 -10.22
N ALA B 173 -7.91 -28.96 -10.28
CA ALA B 173 -7.91 -30.12 -11.18
C ALA B 173 -9.00 -31.14 -10.82
N ASP B 174 -9.44 -31.13 -9.57
CA ASP B 174 -10.57 -31.92 -9.13
C ASP B 174 -11.87 -31.18 -9.54
N GLU B 175 -12.51 -31.67 -10.60
CA GLU B 175 -13.71 -31.03 -11.16
C GLU B 175 -14.84 -30.88 -10.13
N THR B 176 -15.03 -31.90 -9.30
CA THR B 176 -16.04 -31.89 -8.23
C THR B 176 -15.84 -30.70 -7.29
N LEU B 177 -14.59 -30.48 -6.90
CA LEU B 177 -14.25 -29.43 -5.97
C LEU B 177 -14.37 -28.05 -6.63
N LEU B 178 -14.09 -27.98 -7.93
CA LEU B 178 -14.26 -26.75 -8.69
C LEU B 178 -15.76 -26.40 -8.83
N GLU B 179 -16.57 -27.41 -9.15
CA GLU B 179 -18.03 -27.23 -9.25
C GLU B 179 -18.60 -26.69 -7.95
N ARG B 180 -18.21 -27.31 -6.84
CA ARG B 180 -18.74 -26.94 -5.52
C ARG B 180 -18.25 -25.54 -5.08
N ALA B 181 -17.02 -25.19 -5.42
CA ALA B 181 -16.50 -23.84 -5.15
C ALA B 181 -17.24 -22.78 -5.97
N THR B 182 -17.51 -23.09 -7.23
CA THR B 182 -18.19 -22.16 -8.13
C THR B 182 -19.64 -21.89 -7.69
N SER B 183 -20.37 -22.93 -7.31
CA SER B 183 -21.77 -22.77 -6.93
C SER B 183 -21.92 -22.15 -5.54
N ASN B 184 -21.03 -22.50 -4.60
CA ASN B 184 -21.11 -22.00 -3.23
C ASN B 184 -20.57 -20.59 -3.03
N LEU B 185 -19.49 -20.25 -3.76
CA LEU B 185 -18.82 -18.96 -3.61
C LEU B 185 -19.10 -17.99 -4.76
N GLY B 186 -19.56 -18.50 -5.88
CA GLY B 186 -19.77 -17.65 -7.06
C GLY B 186 -18.45 -17.16 -7.66
N ILE B 187 -17.39 -17.96 -7.52
CA ILE B 187 -16.16 -17.69 -8.27
C ILE B 187 -16.39 -17.98 -9.75
N ILE B 188 -15.58 -17.36 -10.60
CA ILE B 188 -15.65 -17.60 -12.03
C ILE B 188 -14.72 -18.77 -12.36
N PRO B 189 -15.27 -19.88 -12.89
CA PRO B 189 -14.39 -21.00 -13.19
C PRO B 189 -13.39 -20.59 -14.25
N PHE B 190 -12.13 -20.92 -14.04
CA PHE B 190 -11.06 -20.56 -14.97
C PHE B 190 -10.61 -21.79 -15.75
N ASP B 191 -10.38 -21.60 -17.05
CA ASP B 191 -9.82 -22.63 -17.92
C ASP B 191 -8.31 -22.40 -18.00
N PRO B 192 -7.49 -23.38 -17.57
CA PRO B 192 -6.02 -23.17 -17.58
C PRO B 192 -5.40 -22.94 -18.97
N ALA B 193 -6.13 -23.27 -20.03
CA ALA B 193 -5.70 -22.94 -21.39
C ALA B 193 -5.83 -21.44 -21.68
N ASN B 194 -6.82 -20.80 -21.05
CA ASN B 194 -7.07 -19.36 -21.19
C ASN B 194 -5.79 -18.53 -20.98
N PRO B 195 -5.41 -17.71 -21.99
CA PRO B 195 -4.21 -16.87 -21.88
C PRO B 195 -4.38 -15.56 -21.07
N LYS B 196 -5.46 -15.44 -20.30
CA LYS B 196 -5.70 -14.24 -19.49
C LYS B 196 -4.62 -14.03 -18.44
N LYS B 197 -4.08 -12.82 -18.40
CA LYS B 197 -3.01 -12.46 -17.48
C LYS B 197 -3.54 -11.90 -16.17
N PHE B 198 -2.90 -12.28 -15.06
CA PHE B 198 -3.24 -11.77 -13.74
C PHE B 198 -2.03 -11.08 -13.11
N SER B 199 -2.29 -10.05 -12.33
CA SER B 199 -1.26 -9.43 -11.51
C SER B 199 -1.29 -9.97 -10.08
N ILE B 200 -2.37 -10.65 -9.72
CA ILE B 200 -2.54 -11.25 -8.37
C ILE B 200 -2.92 -12.72 -8.46
N ILE B 201 -2.07 -13.59 -7.88
CA ILE B 201 -2.33 -15.03 -7.90
C ILE B 201 -2.14 -15.63 -6.52
N PHE B 202 -3.10 -16.45 -6.10
CA PHE B 202 -3.06 -17.18 -4.85
C PHE B 202 -3.08 -18.66 -5.20
N GLU B 203 -2.04 -19.40 -4.84
CA GLU B 203 -1.93 -20.83 -5.14
C GLU B 203 -1.82 -21.65 -3.86
N ALA B 204 -2.63 -22.70 -3.77
CA ALA B 204 -2.66 -23.57 -2.60
C ALA B 204 -2.80 -25.04 -3.02
N THR B 205 -1.73 -25.59 -3.57
CA THR B 205 -1.70 -27.02 -3.93
C THR B 205 -0.40 -27.66 -3.46
N PRO B 206 -0.37 -29.01 -3.37
CA PRO B 206 0.88 -29.70 -3.04
C PRO B 206 1.70 -30.08 -4.29
N CYS B 207 1.50 -29.39 -5.40
CA CYS B 207 2.08 -29.77 -6.70
C CYS B 207 2.89 -28.66 -7.32
N ALA B 208 3.93 -29.04 -8.05
CA ALA B 208 4.78 -28.10 -8.76
C ALA B 208 4.13 -27.63 -10.06
N ASN B 209 4.61 -26.50 -10.57
CA ASN B 209 4.28 -26.01 -11.92
C ASN B 209 2.78 -25.99 -12.19
N THR B 210 2.02 -25.41 -11.27
CA THR B 210 0.56 -25.33 -11.39
C THR B 210 0.07 -24.01 -12.00
N ILE B 211 0.98 -23.07 -12.20
CA ILE B 211 0.64 -21.76 -12.76
C ILE B 211 1.23 -21.68 -14.17
N PRO B 212 0.37 -21.72 -15.20
CA PRO B 212 0.88 -21.66 -16.56
C PRO B 212 1.53 -20.32 -16.90
N GLU B 213 2.58 -20.34 -17.70
CA GLU B 213 3.29 -19.13 -18.11
C GLU B 213 2.34 -18.04 -18.64
N ALA B 214 1.34 -18.46 -19.42
CA ALA B 214 0.40 -17.53 -20.08
C ALA B 214 -0.42 -16.68 -19.11
N VAL B 215 -0.40 -17.05 -17.84
CA VAL B 215 -1.23 -16.42 -16.83
C VAL B 215 -0.43 -15.34 -16.08
N LEU B 216 0.90 -15.39 -16.19
CA LEU B 216 1.79 -14.49 -15.48
C LEU B 216 1.99 -13.18 -16.23
N SER B 217 1.85 -12.06 -15.53
CA SER B 217 2.28 -10.77 -16.05
C SER B 217 3.49 -10.30 -15.26
N GLU B 218 4.13 -9.24 -15.75
CA GLU B 218 5.33 -8.70 -15.13
C GLU B 218 5.03 -8.24 -13.69
N ASN B 219 5.93 -8.59 -12.77
CA ASN B 219 5.87 -8.13 -11.36
C ASN B 219 4.66 -8.61 -10.56
N CYS B 220 3.96 -9.63 -11.06
CA CYS B 220 2.73 -10.09 -10.40
C CYS B 220 3.04 -10.72 -9.04
N VAL B 221 2.09 -10.65 -8.13
CA VAL B 221 2.24 -11.26 -6.82
C VAL B 221 1.77 -12.71 -6.92
N LEU B 222 2.62 -13.63 -6.45
CA LEU B 222 2.24 -15.03 -6.30
C LEU B 222 2.31 -15.37 -4.81
N SER B 223 1.14 -15.46 -4.19
CA SER B 223 1.02 -15.72 -2.76
C SER B 223 0.65 -17.18 -2.58
N THR B 224 1.58 -17.98 -2.05
CA THR B 224 1.39 -19.42 -2.04
C THR B 224 1.99 -20.12 -0.82
N PRO B 225 1.14 -20.77 -0.02
CA PRO B 225 1.65 -21.62 1.06
C PRO B 225 1.99 -23.03 0.58
N GLY B 226 1.65 -23.36 -0.67
CA GLY B 226 1.85 -24.71 -1.19
C GLY B 226 3.30 -25.14 -1.33
N ILE B 227 3.53 -26.44 -1.24
CA ILE B 227 4.88 -27.01 -1.33
C ILE B 227 4.81 -28.26 -2.24
N PRO B 228 5.75 -28.41 -3.20
CA PRO B 228 6.84 -27.51 -3.59
C PRO B 228 6.30 -26.27 -4.33
N CYS B 229 7.19 -25.44 -4.85
CA CYS B 229 6.78 -24.14 -5.41
C CYS B 229 5.90 -24.27 -6.66
N ALA B 230 4.85 -23.45 -6.72
CA ALA B 230 3.86 -23.47 -7.81
C ALA B 230 4.44 -23.09 -9.17
N ILE B 231 5.58 -22.41 -9.18
CA ILE B 231 6.32 -22.10 -10.41
C ILE B 231 7.81 -22.38 -10.24
N SER B 232 8.50 -22.59 -11.36
CA SER B 232 9.94 -22.77 -11.36
C SER B 232 10.62 -21.43 -11.13
N GLU B 233 11.85 -21.46 -10.63
CA GLU B 233 12.64 -20.24 -10.45
C GLU B 233 12.97 -19.56 -11.78
N GLU B 234 12.96 -20.33 -12.87
CA GLU B 234 13.15 -19.76 -14.20
C GLU B 234 11.99 -18.82 -14.55
N LEU B 235 10.76 -19.25 -14.30
CA LEU B 235 9.57 -18.43 -14.56
C LEU B 235 9.46 -17.24 -13.60
N ARG B 236 9.84 -17.48 -12.34
CA ARG B 236 9.88 -16.43 -11.32
C ARG B 236 10.80 -15.29 -11.73
N ASP B 237 12.01 -15.63 -12.16
CA ASP B 237 12.99 -14.64 -12.60
C ASP B 237 12.56 -13.99 -13.92
N LYS B 238 12.03 -14.79 -14.84
CA LYS B 238 11.59 -14.29 -16.13
C LYS B 238 10.54 -13.19 -16.03
N TYR B 239 9.55 -13.37 -15.16
CA TYR B 239 8.48 -12.37 -15.01
C TYR B 239 8.64 -11.50 -13.76
N GLU B 240 9.78 -11.64 -13.11
CA GLU B 240 10.11 -10.89 -11.89
C GLU B 240 8.95 -11.03 -10.88
N VAL B 241 8.57 -12.27 -10.62
CA VAL B 241 7.44 -12.59 -9.77
C VAL B 241 7.80 -12.25 -8.33
N GLN B 242 6.87 -11.62 -7.63
CA GLN B 242 7.02 -11.29 -6.23
C GLN B 242 6.39 -12.43 -5.42
N LEU B 243 7.25 -13.28 -4.87
CA LEU B 243 6.82 -14.53 -4.26
C LEU B 243 6.56 -14.34 -2.77
N ILE B 244 5.37 -14.72 -2.32
CA ILE B 244 5.09 -14.82 -0.89
C ILE B 244 4.88 -16.28 -0.55
N ALA B 245 5.92 -16.90 0.02
CA ALA B 245 5.94 -18.34 0.28
C ALA B 245 6.83 -18.65 1.48
N GLU B 246 6.28 -19.35 2.46
CA GLU B 246 7.00 -19.64 3.67
C GLU B 246 6.38 -20.88 4.34
N PRO B 247 7.22 -21.80 4.87
CA PRO B 247 6.70 -23.13 5.16
C PRO B 247 5.72 -23.28 6.34
N LEU B 248 5.67 -22.31 7.26
CA LEU B 248 4.95 -22.52 8.54
C LEU B 248 4.57 -21.26 9.35
N GLY B 249 5.49 -20.30 9.43
CA GLY B 249 5.34 -19.10 10.25
C GLY B 249 4.14 -18.21 9.97
N ILE B 250 3.90 -17.89 8.70
CA ILE B 250 2.80 -17.00 8.35
C ILE B 250 1.47 -17.63 8.76
N GLY B 251 1.29 -18.90 8.45
CA GLY B 251 0.08 -19.62 8.84
C GLY B 251 -0.08 -19.68 10.35
N THR B 252 1.01 -19.88 11.07
CA THR B 252 0.97 -19.92 12.53
C THR B 252 0.58 -18.54 13.12
N ALA B 253 1.16 -17.47 12.57
CA ALA B 253 0.83 -16.12 13.03
C ALA B 253 -0.67 -15.89 12.84
N SER B 254 -1.18 -16.28 11.68
CA SER B 254 -2.61 -16.16 11.41
C SER B 254 -3.46 -16.88 12.46
N MET B 255 -3.11 -18.11 12.81
CA MET B 255 -3.86 -18.87 13.83
C MET B 255 -3.87 -18.14 15.17
N LEU B 256 -2.71 -17.69 15.59
CA LEU B 256 -2.57 -17.04 16.89
C LEU B 256 -3.38 -15.74 17.00
N TYR B 257 -3.28 -14.88 15.99
CA TYR B 257 -4.05 -13.62 16.00
C TYR B 257 -5.55 -13.86 15.86
N SER B 258 -5.93 -14.96 15.21
CA SER B 258 -7.34 -15.27 15.03
C SER B 258 -8.05 -15.66 16.33
N VAL B 259 -7.29 -16.15 17.31
CA VAL B 259 -7.88 -16.58 18.58
C VAL B 259 -7.71 -15.60 19.73
N LEU B 260 -7.09 -14.45 19.48
CA LEU B 260 -6.94 -13.45 20.53
C LEU B 260 -8.25 -12.66 20.68
#